data_4D1Y
#
_entry.id   4D1Y
#
_cell.length_a   122.601
_cell.length_b   40.851
_cell.length_c   71.645
_cell.angle_alpha   90.00
_cell.angle_beta   108.34
_cell.angle_gamma   90.00
#
_symmetry.space_group_name_H-M   'C 1 2 1'
#
loop_
_entity.id
_entity.type
_entity.pdbx_description
1 polymer 'PUTATIVE PROTEASE I'
2 non-polymer RIBOFLAVIN
3 non-polymer 'ZINC ION'
4 water water
#
_entity_poly.entity_id   1
_entity_poly.type   'polypeptide(L)'
_entity_poly.pdbx_seq_one_letter_code
;MGSDKIHHHHHHSSGENLYFQGHMIMAKKVAVLAVNPVNGCGLFQYLEAFFENGISYKVFAVSDTKEIKTNSGMVLIVDD
VIANLKGHEDEFDALVFSCGDAVPVFQQYANQPYNVDLMEVIKTFGEKGKMMIGHCAGAMMFDFTGITKGKKVAVHPLAK
PAIQNGIATDEKSEIDGNFFTAQDENTIWTMLPKVIEALK
;
_entity_poly.pdbx_strand_id   A,B
#
loop_
_chem_comp.id
_chem_comp.type
_chem_comp.name
_chem_comp.formula
RBF non-polymer RIBOFLAVIN 'C17 H20 N4 O6'
ZN non-polymer 'ZINC ION' 'Zn 2'
#
# COMPACT_ATOMS: atom_id res chain seq x y z
N MET A 26 -4.78 23.84 16.64
CA MET A 26 -3.44 23.60 16.15
C MET A 26 -3.33 22.20 15.53
N ALA A 27 -4.19 21.29 15.99
CA ALA A 27 -4.21 19.92 15.50
C ALA A 27 -4.64 19.86 14.05
N LYS A 28 -3.82 19.26 13.20
CA LYS A 28 -4.09 19.18 11.77
C LYS A 28 -5.11 18.08 11.46
N LYS A 29 -5.70 18.17 10.27
CA LYS A 29 -6.68 17.18 9.82
C LYS A 29 -6.53 16.97 8.31
N VAL A 30 -6.43 15.72 7.89
CA VAL A 30 -6.17 15.42 6.48
C VAL A 30 -7.33 14.70 5.80
N ALA A 31 -7.79 15.26 4.68
CA ALA A 31 -8.80 14.61 3.86
C ALA A 31 -8.15 13.83 2.73
N VAL A 32 -8.32 12.52 2.73
CA VAL A 32 -7.70 11.66 1.73
C VAL A 32 -8.71 11.21 0.69
N LEU A 33 -8.42 11.50 -0.58
CA LEU A 33 -9.31 11.13 -1.67
C LEU A 33 -8.83 9.89 -2.40
N ALA A 34 -9.64 8.83 -2.36
CA ALA A 34 -9.31 7.58 -3.04
C ALA A 34 -10.26 7.35 -4.21
N VAL A 35 -9.70 7.27 -5.41
CA VAL A 35 -10.49 7.01 -6.61
C VAL A 35 -10.89 5.53 -6.67
N ASN A 36 -11.70 5.18 -7.66
CA ASN A 36 -12.21 3.82 -7.77
C ASN A 36 -12.05 3.25 -9.17
N PRO A 37 -11.06 2.37 -9.37
CA PRO A 37 -10.16 1.85 -8.33
C PRO A 37 -8.99 2.78 -8.00
N VAL A 38 -8.33 2.51 -6.87
CA VAL A 38 -7.21 3.31 -6.41
C VAL A 38 -5.94 2.46 -6.31
N ASN A 39 -4.80 3.02 -6.69
CA ASN A 39 -3.53 2.34 -6.51
C ASN A 39 -3.23 2.14 -5.02
N GLY A 40 -3.36 0.91 -4.55
CA GLY A 40 -3.19 0.60 -3.14
C GLY A 40 -1.81 0.95 -2.60
N CYS A 41 -0.79 0.78 -3.42
CA CYS A 41 0.57 1.09 -3.03
C CYS A 41 0.74 2.57 -2.70
N GLY A 42 0.18 3.42 -3.55
CA GLY A 42 0.25 4.85 -3.33
C GLY A 42 -0.56 5.29 -2.12
N LEU A 43 -1.77 4.73 -1.99
CA LEU A 43 -2.69 5.10 -0.93
C LEU A 43 -2.14 4.77 0.46
N PHE A 44 -1.75 3.52 0.66
CA PHE A 44 -1.30 3.07 1.98
C PHE A 44 0.13 3.49 2.29
N GLN A 45 0.73 4.30 1.41
CA GLN A 45 1.98 4.97 1.75
C GLN A 45 1.65 6.23 2.56
N TYR A 46 0.53 6.86 2.23
CA TYR A 46 0.05 8.02 2.99
C TYR A 46 -0.54 7.60 4.33
N LEU A 47 -1.44 6.64 4.28
CA LEU A 47 -2.23 6.26 5.45
C LEU A 47 -1.40 5.60 6.55
N GLU A 48 -0.49 4.71 6.17
CA GLU A 48 0.36 4.05 7.15
C GLU A 48 1.38 5.02 7.73
N ALA A 49 1.75 6.03 6.96
CA ALA A 49 2.68 7.05 7.43
C ALA A 49 1.99 8.00 8.40
N PHE A 50 0.72 8.28 8.14
CA PHE A 50 -0.07 9.15 9.01
C PHE A 50 -0.33 8.47 10.35
N PHE A 51 -0.69 7.19 10.30
CA PHE A 51 -1.01 6.43 11.49
C PHE A 51 0.20 6.29 12.41
N GLU A 52 1.35 6.00 11.84
CA GLU A 52 2.58 5.82 12.62
C GLU A 52 3.08 7.13 13.20
N ASN A 53 2.70 8.24 12.59
CA ASN A 53 3.12 9.55 13.07
C ASN A 53 2.03 10.27 13.85
N GLY A 54 0.89 9.61 14.03
CA GLY A 54 -0.20 10.16 14.79
C GLY A 54 -0.90 11.30 14.10
N ILE A 55 -0.87 11.31 12.77
CA ILE A 55 -1.55 12.32 11.98
C ILE A 55 -2.97 11.90 11.68
N SER A 56 -3.94 12.69 12.13
CA SER A 56 -5.35 12.37 11.94
C SER A 56 -5.75 12.50 10.46
N TYR A 57 -6.61 11.61 10.01
CA TYR A 57 -7.04 11.61 8.61
C TYR A 57 -8.41 10.96 8.43
N LYS A 58 -9.09 11.35 7.37
CA LYS A 58 -10.36 10.73 7.00
C LYS A 58 -10.36 10.46 5.49
N VAL A 59 -10.63 9.21 5.13
CA VAL A 59 -10.55 8.82 3.72
C VAL A 59 -11.90 8.90 3.02
N PHE A 60 -11.94 9.65 1.92
CA PHE A 60 -13.17 9.82 1.16
C PHE A 60 -13.08 9.11 -0.19
N ALA A 61 -14.14 8.38 -0.53
CA ALA A 61 -14.18 7.64 -1.80
C ALA A 61 -14.73 8.52 -2.92
N VAL A 62 -14.03 8.54 -4.05
CA VAL A 62 -14.50 9.25 -5.23
C VAL A 62 -15.48 8.36 -5.97
N SER A 63 -16.61 8.07 -5.32
CA SER A 63 -17.64 7.20 -5.87
C SER A 63 -18.94 7.38 -5.09
N ASP A 64 -19.97 6.63 -5.47
CA ASP A 64 -21.27 6.75 -4.83
C ASP A 64 -21.36 5.91 -3.55
N THR A 65 -20.37 5.06 -3.34
CA THR A 65 -20.30 4.24 -2.13
C THR A 65 -18.91 4.32 -1.50
N LYS A 66 -18.82 3.96 -0.24
CA LYS A 66 -17.53 3.96 0.45
C LYS A 66 -16.82 2.62 0.29
N GLU A 67 -17.48 1.69 -0.40
CA GLU A 67 -16.87 0.42 -0.73
C GLU A 67 -16.24 0.48 -2.13
N ILE A 68 -14.92 0.57 -2.16
CA ILE A 68 -14.19 0.66 -3.42
C ILE A 68 -13.27 -0.53 -3.62
N LYS A 69 -12.57 -0.54 -4.75
CA LYS A 69 -11.59 -1.58 -5.03
C LYS A 69 -10.24 -0.94 -5.31
N THR A 70 -9.18 -1.77 -5.30
CA THR A 70 -7.86 -1.32 -5.70
C THR A 70 -7.58 -1.81 -7.12
N ASN A 71 -6.50 -1.32 -7.72
CA ASN A 71 -6.08 -1.81 -9.02
C ASN A 71 -5.73 -3.29 -8.93
N SER A 72 -5.24 -3.69 -7.76
CA SER A 72 -4.86 -5.07 -7.50
C SER A 72 -6.08 -5.98 -7.39
N GLY A 73 -7.23 -5.40 -7.00
CA GLY A 73 -8.47 -6.15 -6.96
C GLY A 73 -9.06 -6.32 -5.58
N MET A 74 -8.33 -5.87 -4.56
CA MET A 74 -8.79 -5.99 -3.18
C MET A 74 -9.94 -5.04 -2.88
N VAL A 75 -10.99 -5.55 -2.24
CA VAL A 75 -12.13 -4.73 -1.85
C VAL A 75 -11.76 -3.86 -0.64
N LEU A 76 -12.00 -2.57 -0.76
CA LEU A 76 -11.61 -1.62 0.29
C LEU A 76 -12.78 -0.75 0.71
N ILE A 77 -13.14 -0.81 2.00
CA ILE A 77 -14.22 0.01 2.53
C ILE A 77 -13.65 1.18 3.34
N VAL A 78 -13.80 2.39 2.80
CA VAL A 78 -13.22 3.57 3.43
C VAL A 78 -14.20 4.27 4.36
N ASP A 79 -13.82 5.46 4.83
CA ASP A 79 -14.58 6.18 5.84
C ASP A 79 -15.89 6.76 5.33
N ASP A 80 -15.83 7.44 4.18
CA ASP A 80 -17.01 8.12 3.65
C ASP A 80 -16.94 8.30 2.14
N VAL A 81 -17.91 9.02 1.58
CA VAL A 81 -17.95 9.32 0.16
C VAL A 81 -17.57 10.78 -0.09
N ILE A 82 -17.30 11.10 -1.36
CA ILE A 82 -16.84 12.44 -1.72
C ILE A 82 -17.96 13.48 -1.58
N ALA A 83 -19.20 13.02 -1.63
CA ALA A 83 -20.35 13.92 -1.54
C ALA A 83 -20.45 14.55 -0.15
N ASN A 84 -20.02 13.81 0.87
CA ASN A 84 -20.09 14.29 2.24
C ASN A 84 -18.91 15.17 2.63
N LEU A 85 -18.02 15.40 1.66
CA LEU A 85 -16.87 16.26 1.89
C LEU A 85 -17.17 17.69 1.49
N LYS A 86 -18.09 17.86 0.55
CA LYS A 86 -18.51 19.17 0.09
C LYS A 86 -19.18 19.97 1.21
N GLY A 87 -18.58 21.11 1.56
CA GLY A 87 -19.11 21.95 2.62
C GLY A 87 -18.36 21.77 3.92
N HIS A 88 -17.48 20.78 3.96
CA HIS A 88 -16.68 20.49 5.15
C HIS A 88 -15.20 20.67 4.89
N GLU A 89 -14.87 21.56 3.96
CA GLU A 89 -13.47 21.81 3.60
C GLU A 89 -12.73 22.52 4.71
N ASP A 90 -13.45 23.32 5.49
CA ASP A 90 -12.86 24.09 6.57
C ASP A 90 -12.45 23.20 7.75
N GLU A 91 -12.93 21.97 7.76
CA GLU A 91 -12.64 21.03 8.84
C GLU A 91 -11.30 20.34 8.64
N PHE A 92 -10.73 20.47 7.44
CA PHE A 92 -9.46 19.82 7.11
C PHE A 92 -8.38 20.85 6.79
N ASP A 93 -7.13 20.45 6.95
CA ASP A 93 -6.00 21.34 6.71
C ASP A 93 -5.23 20.92 5.47
N ALA A 94 -5.46 19.70 5.00
CA ALA A 94 -4.75 19.18 3.84
C ALA A 94 -5.64 18.27 3.00
N LEU A 95 -5.29 18.13 1.72
CA LEU A 95 -6.02 17.25 0.82
C LEU A 95 -5.05 16.30 0.11
N VAL A 96 -5.40 15.02 0.09
CA VAL A 96 -4.56 14.02 -0.56
C VAL A 96 -5.31 13.31 -1.68
N PHE A 97 -4.76 13.36 -2.88
CA PHE A 97 -5.34 12.65 -4.01
C PHE A 97 -4.54 11.39 -4.34
N SER A 98 -5.09 10.23 -4.01
CA SER A 98 -4.45 8.96 -4.33
C SER A 98 -4.86 8.51 -5.74
N CYS A 99 -3.91 8.49 -6.65
CA CYS A 99 -4.18 8.15 -8.04
C CYS A 99 -4.53 6.67 -8.18
N GLY A 100 -5.13 6.31 -9.31
CA GLY A 100 -5.52 4.95 -9.57
C GLY A 100 -5.93 4.72 -11.01
N ASP A 101 -6.46 3.54 -11.30
CA ASP A 101 -6.86 3.19 -12.65
C ASP A 101 -8.22 3.78 -13.03
N ALA A 102 -8.75 4.63 -12.17
CA ALA A 102 -9.99 5.35 -12.46
C ALA A 102 -9.69 6.57 -13.33
N VAL A 103 -8.45 7.07 -13.23
CA VAL A 103 -8.02 8.25 -13.97
C VAL A 103 -7.89 8.03 -15.48
N PRO A 104 -7.32 6.89 -15.93
CA PRO A 104 -7.26 6.70 -17.38
C PRO A 104 -8.62 6.65 -18.07
N VAL A 105 -9.69 6.46 -17.30
CA VAL A 105 -11.04 6.46 -17.85
C VAL A 105 -11.87 7.60 -17.25
N PHE A 106 -11.19 8.60 -16.71
CA PHE A 106 -11.85 9.74 -16.09
C PHE A 106 -12.66 10.54 -17.10
N GLN A 107 -12.14 10.64 -18.33
CA GLN A 107 -12.80 11.42 -19.38
C GLN A 107 -14.15 10.82 -19.75
N GLN A 108 -14.24 9.50 -19.73
CA GLN A 108 -15.49 8.81 -20.01
C GLN A 108 -16.53 9.11 -18.93
N TYR A 109 -16.09 9.06 -17.67
CA TYR A 109 -16.97 9.28 -16.54
C TYR A 109 -16.84 10.70 -15.98
N ALA A 110 -16.52 11.65 -16.85
CA ALA A 110 -16.31 13.03 -16.43
C ALA A 110 -17.59 13.66 -15.88
N ASN A 111 -18.72 13.24 -16.40
CA ASN A 111 -20.00 13.80 -15.99
C ASN A 111 -20.68 13.01 -14.87
N GLN A 112 -19.96 12.05 -14.30
CA GLN A 112 -20.45 11.30 -13.16
C GLN A 112 -20.46 12.18 -11.91
N PRO A 113 -21.47 11.98 -11.05
CA PRO A 113 -21.65 12.79 -9.83
C PRO A 113 -20.40 12.90 -8.97
N TYR A 114 -19.67 11.80 -8.80
CA TYR A 114 -18.48 11.82 -7.96
C TYR A 114 -17.29 12.52 -8.63
N ASN A 115 -17.26 12.48 -9.96
CA ASN A 115 -16.19 13.14 -10.70
C ASN A 115 -16.41 14.65 -10.82
N VAL A 116 -17.64 15.08 -10.58
CA VAL A 116 -17.96 16.50 -10.55
C VAL A 116 -17.67 17.06 -9.16
N ASP A 117 -17.97 16.26 -8.14
CA ASP A 117 -17.67 16.63 -6.75
C ASP A 117 -16.17 16.71 -6.52
N LEU A 118 -15.42 15.91 -7.29
CA LEU A 118 -13.97 15.87 -7.18
C LEU A 118 -13.34 17.21 -7.53
N MET A 119 -13.72 17.77 -8.68
CA MET A 119 -13.19 19.03 -9.14
C MET A 119 -13.59 20.17 -8.21
N GLU A 120 -14.77 20.06 -7.61
CA GLU A 120 -15.29 21.08 -6.72
C GLU A 120 -14.52 21.06 -5.39
N VAL A 121 -14.29 19.86 -4.86
CA VAL A 121 -13.55 19.70 -3.62
C VAL A 121 -12.10 20.18 -3.79
N ILE A 122 -11.48 19.81 -4.91
CA ILE A 122 -10.12 20.25 -5.21
C ILE A 122 -10.04 21.76 -5.32
N LYS A 123 -11.01 22.36 -6.00
CA LYS A 123 -11.02 23.80 -6.22
C LYS A 123 -11.15 24.57 -4.92
N THR A 124 -12.02 24.10 -4.02
CA THR A 124 -12.25 24.77 -2.75
C THR A 124 -11.01 24.67 -1.85
N PHE A 125 -10.43 23.48 -1.77
CA PHE A 125 -9.24 23.26 -0.96
C PHE A 125 -8.07 24.12 -1.44
N GLY A 126 -7.99 24.34 -2.75
CA GLY A 126 -6.93 25.14 -3.33
C GLY A 126 -7.11 26.62 -3.03
N GLU A 127 -8.36 27.04 -2.86
CA GLU A 127 -8.67 28.45 -2.59
C GLU A 127 -8.52 28.78 -1.12
N LYS A 128 -8.73 27.78 -0.26
CA LYS A 128 -8.56 27.97 1.18
C LYS A 128 -7.08 28.03 1.55
N GLY A 129 -6.23 27.68 0.59
CA GLY A 129 -4.79 27.68 0.80
C GLY A 129 -4.34 26.43 1.52
N LYS A 130 -5.15 25.38 1.42
CA LYS A 130 -4.85 24.12 2.10
C LYS A 130 -3.67 23.40 1.46
N MET A 131 -3.04 22.53 2.24
CA MET A 131 -1.90 21.73 1.76
C MET A 131 -2.36 20.70 0.73
N MET A 132 -1.97 20.91 -0.52
CA MET A 132 -2.41 20.04 -1.60
C MET A 132 -1.40 18.94 -1.88
N ILE A 133 -1.79 17.70 -1.61
CA ILE A 133 -0.90 16.55 -1.77
C ILE A 133 -1.46 15.57 -2.82
N GLY A 134 -0.58 15.07 -3.68
CA GLY A 134 -1.00 14.13 -4.71
C GLY A 134 0.17 13.48 -5.43
N HIS A 135 -0.12 12.50 -6.27
CA HIS A 135 0.91 11.84 -7.06
C HIS A 135 0.36 11.30 -8.37
N CYS A 136 1.25 10.76 -9.19
CA CYS A 136 0.90 10.22 -10.51
C CYS A 136 0.17 11.24 -11.36
N ALA A 137 -1.15 11.17 -11.38
CA ALA A 137 -1.97 12.09 -12.17
C ALA A 137 -2.61 13.14 -11.27
N GLY A 138 -2.21 13.16 -10.01
CA GLY A 138 -2.75 14.09 -9.04
C GLY A 138 -2.53 15.54 -9.42
N ALA A 139 -1.37 15.81 -10.02
CA ALA A 139 -1.03 17.16 -10.45
C ALA A 139 -1.96 17.63 -11.57
N MET A 140 -2.33 16.70 -12.45
CA MET A 140 -3.22 17.00 -13.56
C MET A 140 -4.64 17.31 -13.07
N MET A 141 -5.08 16.57 -12.07
CA MET A 141 -6.41 16.78 -11.49
C MET A 141 -6.46 18.13 -10.78
N PHE A 142 -5.33 18.55 -10.23
CA PHE A 142 -5.21 19.86 -9.60
C PHE A 142 -5.15 20.95 -10.67
N ASP A 143 -4.48 20.65 -11.77
CA ASP A 143 -4.27 21.61 -12.84
C ASP A 143 -5.53 21.82 -13.66
N PHE A 144 -6.41 20.82 -13.68
CA PHE A 144 -7.69 20.93 -14.37
C PHE A 144 -8.54 22.04 -13.76
N THR A 145 -8.28 22.35 -12.49
CA THR A 145 -8.97 23.42 -11.79
C THR A 145 -8.34 24.78 -12.10
N GLY A 146 -7.04 24.91 -11.82
CA GLY A 146 -6.33 26.14 -12.05
C GLY A 146 -5.66 26.66 -10.79
N ILE A 147 -5.61 25.82 -9.76
CA ILE A 147 -4.98 26.20 -8.50
C ILE A 147 -3.47 26.05 -8.54
N THR A 148 -2.97 25.37 -9.58
CA THR A 148 -1.54 25.10 -9.70
C THR A 148 -0.82 26.17 -10.51
N LYS A 149 -1.49 27.27 -10.81
CA LYS A 149 -0.94 28.33 -11.63
C LYS A 149 0.35 28.92 -11.03
N GLY A 150 1.43 28.84 -11.80
CA GLY A 150 2.71 29.39 -11.37
C GLY A 150 3.37 28.55 -10.29
N LYS A 151 3.01 27.27 -10.22
CA LYS A 151 3.55 26.38 -9.21
C LYS A 151 4.28 25.18 -9.83
N LYS A 152 5.42 24.83 -9.26
CA LYS A 152 6.16 23.65 -9.67
C LYS A 152 5.44 22.38 -9.22
N VAL A 153 5.15 21.49 -10.17
CA VAL A 153 4.46 20.25 -9.84
C VAL A 153 5.13 19.03 -10.47
N ALA A 154 5.04 17.90 -9.80
CA ALA A 154 5.51 16.64 -10.33
C ALA A 154 4.33 15.81 -10.82
N VAL A 155 4.46 15.23 -12.01
CA VAL A 155 3.36 14.50 -12.62
C VAL A 155 3.87 13.35 -13.46
N HIS A 156 3.03 12.34 -13.67
CA HIS A 156 3.36 11.21 -14.52
C HIS A 156 3.69 11.69 -15.93
N PRO A 157 4.75 11.13 -16.53
CA PRO A 157 5.23 11.51 -17.87
C PRO A 157 4.15 11.48 -18.96
N LEU A 158 3.08 10.73 -18.74
CA LEU A 158 1.98 10.66 -19.71
C LEU A 158 0.96 11.76 -19.50
N ALA A 159 0.91 12.30 -18.28
CA ALA A 159 -0.04 13.36 -17.95
C ALA A 159 0.62 14.73 -18.00
N LYS A 160 1.90 14.75 -18.38
CA LYS A 160 2.67 16.00 -18.44
C LYS A 160 2.14 17.00 -19.49
N PRO A 161 1.80 16.56 -20.71
CA PRO A 161 1.29 17.56 -21.66
C PRO A 161 -0.07 18.14 -21.29
N ALA A 162 -0.69 17.61 -20.23
CA ALA A 162 -1.99 18.10 -19.80
C ALA A 162 -1.85 19.23 -18.80
N ILE A 163 -0.63 19.48 -18.33
CA ILE A 163 -0.37 20.55 -17.39
C ILE A 163 -0.31 21.90 -18.11
N GLN A 164 -1.37 22.69 -17.96
CA GLN A 164 -1.47 23.96 -18.66
C GLN A 164 -1.15 25.14 -17.74
N ASN A 165 -1.90 25.26 -16.66
CA ASN A 165 -1.72 26.36 -15.71
C ASN A 165 -0.45 26.21 -14.88
N GLY A 166 -0.15 24.97 -14.49
CA GLY A 166 1.01 24.70 -13.67
C GLY A 166 2.29 24.64 -14.46
N ILE A 167 3.39 24.34 -13.76
CA ILE A 167 4.70 24.22 -14.40
C ILE A 167 5.27 22.83 -14.16
N ALA A 168 4.95 21.89 -15.07
CA ALA A 168 5.39 20.51 -14.93
C ALA A 168 6.89 20.36 -15.09
N THR A 169 7.50 19.58 -14.20
CA THR A 169 8.93 19.28 -14.28
C THR A 169 9.12 17.78 -14.46
N ASP A 170 10.38 17.36 -14.54
CA ASP A 170 10.69 15.94 -14.72
C ASP A 170 11.19 15.32 -13.43
N GLU A 171 11.08 16.05 -12.32
CA GLU A 171 11.58 15.59 -11.05
C GLU A 171 10.67 14.54 -10.41
N LYS A 172 11.25 13.71 -9.55
CA LYS A 172 10.51 12.66 -8.86
C LYS A 172 9.41 13.25 -7.97
N SER A 173 9.67 14.42 -7.42
CA SER A 173 8.68 15.13 -6.61
C SER A 173 8.93 16.63 -6.63
N GLU A 174 7.87 17.41 -6.41
CA GLU A 174 7.99 18.86 -6.38
C GLU A 174 7.26 19.46 -5.19
N ILE A 175 7.96 20.32 -4.45
CA ILE A 175 7.34 21.05 -3.34
C ILE A 175 7.45 22.54 -3.58
N ASP A 176 6.32 23.15 -3.94
CA ASP A 176 6.28 24.59 -4.18
C ASP A 176 5.06 25.20 -3.50
N GLY A 177 5.31 26.09 -2.55
CA GLY A 177 4.24 26.67 -1.76
C GLY A 177 3.60 25.62 -0.88
N ASN A 178 2.32 25.35 -1.12
CA ASN A 178 1.60 24.33 -0.38
C ASN A 178 1.25 23.13 -1.25
N PHE A 179 1.96 23.00 -2.37
CA PHE A 179 1.73 21.89 -3.29
C PHE A 179 2.82 20.82 -3.15
N PHE A 180 2.39 19.61 -2.82
CA PHE A 180 3.29 18.49 -2.63
C PHE A 180 2.92 17.36 -3.58
N THR A 181 3.63 17.26 -4.70
CA THR A 181 3.29 16.28 -5.73
C THR A 181 4.46 15.37 -6.09
N ALA A 182 4.14 14.13 -6.44
CA ALA A 182 5.15 13.15 -6.84
C ALA A 182 4.84 12.62 -8.24
N GLN A 183 5.88 12.15 -8.94
CA GLN A 183 5.73 11.67 -10.31
C GLN A 183 4.80 10.45 -10.38
N ASP A 184 4.96 9.53 -9.44
CA ASP A 184 4.03 8.42 -9.29
C ASP A 184 4.11 7.84 -7.87
N GLU A 185 3.55 6.65 -7.68
CA GLU A 185 3.52 6.03 -6.36
C GLU A 185 4.90 5.49 -5.96
N ASN A 186 5.81 5.40 -6.93
CA ASN A 186 7.15 4.87 -6.66
C ASN A 186 8.13 5.96 -6.25
N THR A 187 7.72 7.21 -6.41
CA THR A 187 8.57 8.34 -6.05
C THR A 187 7.96 9.18 -4.92
N ILE A 188 6.98 8.61 -4.23
CA ILE A 188 6.35 9.29 -3.11
C ILE A 188 7.32 9.44 -1.95
N TRP A 189 8.21 8.46 -1.81
CA TRP A 189 9.19 8.44 -0.72
C TRP A 189 10.13 9.64 -0.74
N THR A 190 10.20 10.32 -1.87
CA THR A 190 11.09 11.47 -2.02
C THR A 190 10.50 12.75 -1.42
N MET A 191 9.22 12.72 -1.09
CA MET A 191 8.56 13.91 -0.55
C MET A 191 7.77 13.62 0.72
N LEU A 192 7.47 12.35 0.95
CA LEU A 192 6.64 11.94 2.08
C LEU A 192 7.15 12.38 3.46
N PRO A 193 8.46 12.26 3.73
CA PRO A 193 8.93 12.74 5.04
C PRO A 193 8.70 14.24 5.26
N LYS A 194 8.83 15.03 4.21
CA LYS A 194 8.61 16.47 4.31
C LYS A 194 7.13 16.78 4.48
N VAL A 195 6.29 15.94 3.90
CA VAL A 195 4.85 16.03 4.07
C VAL A 195 4.47 15.73 5.52
N ILE A 196 5.12 14.71 6.09
CA ILE A 196 4.88 14.30 7.47
C ILE A 196 5.29 15.39 8.46
N GLU A 197 6.49 15.92 8.29
CA GLU A 197 7.03 16.92 9.22
C GLU A 197 6.29 18.25 9.11
N ALA A 198 5.51 18.41 8.04
CA ALA A 198 4.73 19.62 7.84
C ALA A 198 3.37 19.52 8.53
N LEU A 199 2.91 18.29 8.74
CA LEU A 199 1.62 18.04 9.39
C LEU A 199 1.77 17.83 10.89
N LYS A 200 2.60 16.86 11.27
CA LYS A 200 2.84 16.59 12.69
C LYS A 200 4.17 15.86 12.88
N MET B 26 2.39 -24.48 -15.36
CA MET B 26 3.54 -23.68 -15.74
C MET B 26 3.34 -22.23 -15.35
N ALA B 27 2.08 -21.83 -15.19
CA ALA B 27 1.74 -20.47 -14.77
C ALA B 27 1.99 -20.29 -13.28
N LYS B 28 2.92 -19.40 -12.94
CA LYS B 28 3.31 -19.17 -11.56
C LYS B 28 2.21 -18.46 -10.77
N LYS B 29 1.65 -19.14 -9.78
CA LYS B 29 0.63 -18.56 -8.93
C LYS B 29 1.20 -18.26 -7.54
N VAL B 30 0.84 -17.10 -7.00
CA VAL B 30 1.40 -16.66 -5.72
C VAL B 30 0.35 -16.66 -4.60
N ALA B 31 0.72 -17.23 -3.46
CA ALA B 31 -0.15 -17.23 -2.30
C ALA B 31 0.29 -16.16 -1.31
N VAL B 32 -0.54 -15.14 -1.13
CA VAL B 32 -0.21 -14.02 -0.26
C VAL B 32 -0.91 -14.14 1.09
N LEU B 33 -0.14 -14.13 2.17
CA LEU B 33 -0.69 -14.19 3.51
C LEU B 33 -0.69 -12.82 4.17
N ALA B 34 -1.88 -12.34 4.53
CA ALA B 34 -2.02 -11.04 5.16
C ALA B 34 -2.57 -11.19 6.59
N VAL B 35 -1.83 -10.68 7.56
CA VAL B 35 -2.24 -10.76 8.95
C VAL B 35 -3.37 -9.79 9.27
N ASN B 36 -3.80 -9.78 10.53
CA ASN B 36 -4.89 -8.91 10.96
C ASN B 36 -4.61 -8.30 12.32
N PRO B 37 -4.26 -7.01 12.37
CA PRO B 37 -4.15 -6.12 11.19
C PRO B 37 -2.85 -6.27 10.42
N VAL B 38 -2.87 -5.90 9.14
CA VAL B 38 -1.70 -6.01 8.29
C VAL B 38 -1.21 -4.62 7.86
N ASN B 39 0.11 -4.45 7.79
CA ASN B 39 0.68 -3.22 7.26
C ASN B 39 0.27 -3.02 5.82
N GLY B 40 -0.59 -2.04 5.57
CA GLY B 40 -1.14 -1.79 4.25
C GLY B 40 -0.09 -1.45 3.21
N CYS B 41 0.93 -0.69 3.63
CA CYS B 41 1.99 -0.26 2.73
C CYS B 41 2.80 -1.45 2.20
N GLY B 42 3.13 -2.38 3.09
CA GLY B 42 3.90 -3.55 2.71
C GLY B 42 3.14 -4.48 1.79
N LEU B 43 1.86 -4.70 2.11
CA LEU B 43 1.01 -5.62 1.37
C LEU B 43 0.81 -5.20 -0.09
N PHE B 44 0.38 -3.96 -0.28
CA PHE B 44 0.03 -3.49 -1.62
C PHE B 44 1.26 -3.10 -2.44
N GLN B 45 2.45 -3.26 -1.86
CA GLN B 45 3.68 -3.16 -2.64
C GLN B 45 3.85 -4.43 -3.44
N TYR B 46 3.42 -5.56 -2.86
CA TYR B 46 3.46 -6.84 -3.55
C TYR B 46 2.35 -6.95 -4.59
N LEU B 47 1.11 -6.71 -4.16
CA LEU B 47 -0.06 -6.95 -4.98
C LEU B 47 -0.13 -6.05 -6.21
N GLU B 48 0.20 -4.78 -6.05
CA GLU B 48 0.17 -3.85 -7.17
C GLU B 48 1.30 -4.15 -8.16
N ALA B 49 2.43 -4.61 -7.63
CA ALA B 49 3.56 -4.98 -8.47
C ALA B 49 3.26 -6.25 -9.26
N PHE B 50 2.54 -7.17 -8.63
CA PHE B 50 2.14 -8.41 -9.28
C PHE B 50 1.13 -8.12 -10.38
N PHE B 51 0.19 -7.22 -10.09
CA PHE B 51 -0.86 -6.85 -11.03
C PHE B 51 -0.30 -6.20 -12.30
N GLU B 52 0.64 -5.28 -12.11
CA GLU B 52 1.22 -4.55 -13.23
C GLU B 52 2.13 -5.42 -14.10
N ASN B 53 2.50 -6.58 -13.58
CA ASN B 53 3.37 -7.50 -14.31
C ASN B 53 2.67 -8.80 -14.68
N GLY B 54 1.33 -8.80 -14.58
CA GLY B 54 0.53 -9.94 -14.98
C GLY B 54 0.81 -11.21 -14.19
N ILE B 55 1.21 -11.05 -12.94
CA ILE B 55 1.49 -12.20 -12.08
C ILE B 55 0.23 -12.64 -11.34
N SER B 56 -0.12 -13.91 -11.46
CA SER B 56 -1.30 -14.46 -10.80
C SER B 56 -1.07 -14.60 -9.30
N TYR B 57 -2.04 -14.16 -8.51
CA TYR B 57 -1.93 -14.23 -7.06
C TYR B 57 -3.29 -14.35 -6.39
N LYS B 58 -3.28 -14.83 -5.15
CA LYS B 58 -4.49 -14.90 -4.33
C LYS B 58 -4.13 -14.56 -2.88
N VAL B 59 -4.96 -13.72 -2.26
CA VAL B 59 -4.65 -13.25 -0.91
C VAL B 59 -5.44 -14.00 0.15
N PHE B 60 -4.71 -14.66 1.04
CA PHE B 60 -5.33 -15.41 2.13
C PHE B 60 -5.19 -14.67 3.45
N ALA B 61 -6.29 -14.55 4.18
CA ALA B 61 -6.28 -13.82 5.46
C ALA B 61 -5.85 -14.71 6.61
N VAL B 62 -4.81 -14.29 7.33
CA VAL B 62 -4.39 -14.98 8.53
C VAL B 62 -5.28 -14.56 9.69
N SER B 63 -6.56 -14.92 9.59
CA SER B 63 -7.54 -14.56 10.61
C SER B 63 -8.75 -15.49 10.53
N ASP B 64 -9.72 -15.25 11.40
CA ASP B 64 -10.91 -16.08 11.47
C ASP B 64 -11.81 -15.87 10.26
N THR B 65 -11.82 -14.66 9.73
CA THR B 65 -12.73 -14.33 8.63
C THR B 65 -12.02 -13.73 7.41
N LYS B 66 -12.75 -13.67 6.30
CA LYS B 66 -12.27 -13.14 5.04
C LYS B 66 -12.04 -11.62 5.11
N GLU B 67 -12.77 -10.97 6.00
CA GLU B 67 -12.68 -9.52 6.16
C GLU B 67 -11.73 -9.13 7.30
N ILE B 68 -10.69 -8.38 6.95
CA ILE B 68 -9.72 -7.91 7.94
C ILE B 68 -9.55 -6.40 7.86
N LYS B 69 -8.62 -5.87 8.66
CA LYS B 69 -8.32 -4.44 8.62
C LYS B 69 -6.81 -4.21 8.55
N THR B 70 -6.42 -3.00 8.16
CA THR B 70 -5.01 -2.64 8.11
C THR B 70 -4.59 -1.98 9.41
N ASN B 71 -3.30 -1.73 9.57
CA ASN B 71 -2.78 -1.02 10.74
C ASN B 71 -3.33 0.38 10.80
N SER B 72 -3.56 0.97 9.62
CA SER B 72 -4.09 2.31 9.51
C SER B 72 -5.55 2.39 9.99
N GLY B 73 -6.25 1.26 9.87
CA GLY B 73 -7.64 1.19 10.31
C GLY B 73 -8.61 0.94 9.18
N MET B 74 -8.07 0.87 7.96
CA MET B 74 -8.88 0.61 6.77
C MET B 74 -9.45 -0.80 6.77
N VAL B 75 -10.75 -0.91 6.52
CA VAL B 75 -11.37 -2.22 6.38
C VAL B 75 -11.02 -2.81 5.02
N LEU B 76 -10.41 -3.99 5.05
CA LEU B 76 -9.94 -4.64 3.83
C LEU B 76 -10.50 -6.04 3.67
N ILE B 77 -11.15 -6.28 2.52
CA ILE B 77 -11.68 -7.60 2.21
C ILE B 77 -10.84 -8.30 1.16
N VAL B 78 -10.17 -9.37 1.56
CA VAL B 78 -9.29 -10.11 0.66
C VAL B 78 -10.03 -11.26 -0.02
N ASP B 79 -9.28 -12.19 -0.60
CA ASP B 79 -9.87 -13.28 -1.37
C ASP B 79 -10.45 -14.40 -0.50
N ASP B 80 -9.61 -14.99 0.33
CA ASP B 80 -10.02 -16.14 1.14
C ASP B 80 -9.32 -16.15 2.50
N VAL B 81 -9.66 -17.13 3.32
CA VAL B 81 -9.01 -17.31 4.61
C VAL B 81 -7.86 -18.30 4.50
N ILE B 82 -6.96 -18.28 5.46
CA ILE B 82 -5.76 -19.10 5.42
C ILE B 82 -6.09 -20.59 5.59
N ALA B 83 -7.25 -20.88 6.18
CA ALA B 83 -7.66 -22.26 6.41
C ALA B 83 -7.93 -23.00 5.10
N ASN B 84 -8.37 -22.27 4.09
CA ASN B 84 -8.67 -22.85 2.79
C ASN B 84 -7.44 -22.99 1.91
N LEU B 85 -6.28 -22.69 2.48
CA LEU B 85 -5.01 -22.83 1.76
C LEU B 85 -4.41 -24.20 2.00
N LYS B 86 -4.69 -24.77 3.17
CA LYS B 86 -4.16 -26.07 3.55
C LYS B 86 -4.61 -27.17 2.58
N GLY B 87 -3.65 -28.00 2.15
CA GLY B 87 -3.93 -29.05 1.20
C GLY B 87 -3.89 -28.54 -0.23
N HIS B 88 -3.71 -27.23 -0.38
CA HIS B 88 -3.66 -26.60 -1.69
C HIS B 88 -2.36 -25.82 -1.88
N GLU B 89 -1.36 -26.15 -1.07
CA GLU B 89 -0.06 -25.48 -1.13
C GLU B 89 0.67 -25.82 -2.43
N ASP B 90 0.34 -26.97 -3.01
CA ASP B 90 0.99 -27.42 -4.24
C ASP B 90 0.36 -26.73 -5.46
N GLU B 91 -0.65 -25.92 -5.21
CA GLU B 91 -1.31 -25.17 -6.28
C GLU B 91 -0.68 -23.80 -6.46
N PHE B 92 0.39 -23.53 -5.72
CA PHE B 92 1.07 -22.24 -5.78
C PHE B 92 2.57 -22.42 -5.96
N ASP B 93 3.26 -21.35 -6.33
CA ASP B 93 4.69 -21.40 -6.57
C ASP B 93 5.46 -20.46 -5.64
N ALA B 94 4.72 -19.61 -4.93
CA ALA B 94 5.34 -18.64 -4.04
C ALA B 94 4.44 -18.31 -2.85
N LEU B 95 5.05 -18.06 -1.70
CA LEU B 95 4.31 -17.70 -0.50
C LEU B 95 4.79 -16.35 0.03
N VAL B 96 3.87 -15.40 0.13
CA VAL B 96 4.21 -14.05 0.60
C VAL B 96 3.62 -13.78 1.98
N PHE B 97 4.48 -13.32 2.89
CA PHE B 97 4.03 -12.95 4.23
C PHE B 97 4.07 -11.44 4.42
N SER B 98 2.89 -10.82 4.46
CA SER B 98 2.80 -9.38 4.72
C SER B 98 2.67 -9.14 6.22
N CYS B 99 3.70 -8.56 6.81
CA CYS B 99 3.72 -8.32 8.25
C CYS B 99 2.74 -7.22 8.64
N GLY B 100 2.51 -7.07 9.93
CA GLY B 100 1.60 -6.06 10.44
C GLY B 100 1.63 -5.96 11.95
N ASP B 101 0.68 -5.22 12.51
CA ASP B 101 0.61 -5.03 13.95
C ASP B 101 0.03 -6.24 14.67
N ALA B 102 -0.24 -7.31 13.92
CA ALA B 102 -0.73 -8.55 14.49
C ALA B 102 0.41 -9.37 15.09
N VAL B 103 1.62 -9.14 14.58
CA VAL B 103 2.80 -9.86 15.04
C VAL B 103 3.26 -9.45 16.45
N PRO B 104 3.25 -8.15 16.77
CA PRO B 104 3.59 -7.83 18.18
C PRO B 104 2.57 -8.34 19.20
N VAL B 105 1.46 -8.90 18.71
CA VAL B 105 0.45 -9.49 19.59
C VAL B 105 0.30 -10.98 19.27
N PHE B 106 1.30 -11.55 18.63
CA PHE B 106 1.25 -12.95 18.17
C PHE B 106 1.40 -13.94 19.32
N GLN B 107 2.27 -13.62 20.27
CA GLN B 107 2.52 -14.51 21.41
C GLN B 107 1.27 -14.72 22.25
N GLN B 108 0.42 -13.71 22.29
CA GLN B 108 -0.84 -13.79 23.03
C GLN B 108 -1.84 -14.67 22.29
N TYR B 109 -1.82 -14.59 20.97
CA TYR B 109 -2.75 -15.35 20.14
C TYR B 109 -2.04 -16.45 19.35
N ALA B 110 -0.99 -17.02 19.95
CA ALA B 110 -0.22 -18.07 19.30
C ALA B 110 -1.00 -19.38 19.24
N ASN B 111 -1.95 -19.54 20.16
CA ASN B 111 -2.73 -20.77 20.23
C ASN B 111 -4.03 -20.65 19.45
N GLN B 112 -4.16 -19.59 18.66
CA GLN B 112 -5.34 -19.38 17.83
C GLN B 112 -5.30 -20.25 16.58
N PRO B 113 -6.47 -20.77 16.16
CA PRO B 113 -6.59 -21.65 14.99
C PRO B 113 -5.94 -21.09 13.72
N TYR B 114 -6.12 -19.80 13.45
CA TYR B 114 -5.57 -19.21 12.25
C TYR B 114 -4.05 -18.98 12.37
N ASN B 115 -3.58 -18.83 13.60
CA ASN B 115 -2.15 -18.69 13.85
C ASN B 115 -1.44 -20.04 13.90
N VAL B 116 -2.23 -21.09 14.14
CA VAL B 116 -1.71 -22.46 14.08
C VAL B 116 -1.60 -22.89 12.62
N ASP B 117 -2.59 -22.53 11.83
CA ASP B 117 -2.59 -22.83 10.39
C ASP B 117 -1.46 -22.10 9.68
N LEU B 118 -1.04 -20.96 10.25
CA LEU B 118 0.03 -20.16 9.67
C LEU B 118 1.36 -20.91 9.64
N MET B 119 1.70 -21.54 10.77
CA MET B 119 2.96 -22.27 10.87
C MET B 119 2.94 -23.54 10.02
N GLU B 120 1.75 -24.08 9.77
CA GLU B 120 1.61 -25.33 9.05
C GLU B 120 1.66 -25.13 7.54
N VAL B 121 1.30 -23.94 7.06
CA VAL B 121 1.34 -23.67 5.63
C VAL B 121 2.71 -23.16 5.22
N ILE B 122 3.42 -22.51 6.14
CA ILE B 122 4.79 -22.06 5.88
C ILE B 122 5.69 -23.28 5.75
N LYS B 123 5.45 -24.27 6.59
CA LYS B 123 6.18 -25.54 6.56
C LYS B 123 5.99 -26.25 5.23
N THR B 124 4.73 -26.38 4.81
CA THR B 124 4.39 -27.09 3.59
C THR B 124 5.01 -26.45 2.35
N PHE B 125 4.95 -25.12 2.29
CA PHE B 125 5.55 -24.38 1.19
C PHE B 125 7.07 -24.54 1.21
N GLY B 126 7.64 -24.72 2.39
CA GLY B 126 9.08 -24.88 2.54
C GLY B 126 9.56 -26.25 2.12
N GLU B 127 8.67 -27.24 2.20
CA GLU B 127 9.02 -28.61 1.84
C GLU B 127 9.20 -28.76 0.33
N LYS B 128 8.30 -28.16 -0.44
CA LYS B 128 8.33 -28.28 -1.90
C LYS B 128 9.28 -27.27 -2.53
N GLY B 129 10.00 -26.54 -1.68
CA GLY B 129 10.97 -25.56 -2.16
C GLY B 129 10.33 -24.39 -2.87
N LYS B 130 9.16 -23.97 -2.40
CA LYS B 130 8.45 -22.85 -2.99
C LYS B 130 9.14 -21.53 -2.64
N MET B 131 8.89 -20.51 -3.46
CA MET B 131 9.48 -19.19 -3.25
C MET B 131 8.93 -18.54 -1.99
N MET B 132 9.75 -18.48 -0.95
CA MET B 132 9.32 -17.92 0.33
C MET B 132 9.63 -16.43 0.42
N ILE B 133 8.58 -15.61 0.36
CA ILE B 133 8.72 -14.16 0.39
C ILE B 133 8.11 -13.57 1.66
N GLY B 134 8.74 -12.53 2.19
CA GLY B 134 8.25 -11.87 3.38
C GLY B 134 9.08 -10.68 3.80
N HIS B 135 8.58 -9.90 4.75
CA HIS B 135 9.32 -8.73 5.25
C HIS B 135 9.01 -8.46 6.71
N CYS B 136 9.71 -7.49 7.28
CA CYS B 136 9.58 -7.11 8.69
C CYS B 136 9.85 -8.31 9.61
N ALA B 137 8.78 -8.93 10.09
CA ALA B 137 8.90 -10.09 10.97
C ALA B 137 8.54 -11.37 10.22
N GLY B 138 8.56 -11.31 8.90
CA GLY B 138 8.26 -12.46 8.07
C GLY B 138 9.31 -13.53 8.17
N ALA B 139 10.57 -13.12 8.24
CA ALA B 139 11.68 -14.05 8.37
C ALA B 139 11.63 -14.77 9.71
N MET B 140 11.14 -14.07 10.74
CA MET B 140 10.99 -14.67 12.06
C MET B 140 9.96 -15.78 12.05
N MET B 141 8.85 -15.53 11.37
CA MET B 141 7.80 -16.53 11.22
C MET B 141 8.30 -17.72 10.41
N PHE B 142 9.21 -17.45 9.48
CA PHE B 142 9.84 -18.49 8.69
C PHE B 142 10.81 -19.30 9.55
N ASP B 143 11.53 -18.61 10.43
CA ASP B 143 12.52 -19.25 11.28
C ASP B 143 11.86 -20.04 12.41
N PHE B 144 10.59 -19.73 12.68
CA PHE B 144 9.83 -20.45 13.71
C PHE B 144 9.46 -21.85 13.26
N THR B 145 9.87 -22.20 12.04
CA THR B 145 9.55 -23.51 11.47
C THR B 145 10.81 -24.31 11.20
N GLY B 146 11.92 -23.60 10.97
CA GLY B 146 13.20 -24.25 10.72
C GLY B 146 13.53 -24.33 9.25
N ILE B 147 12.70 -23.70 8.43
CA ILE B 147 12.89 -23.72 6.98
C ILE B 147 14.08 -22.87 6.57
N THR B 148 14.42 -21.90 7.40
CA THR B 148 15.49 -20.96 7.09
C THR B 148 16.86 -21.43 7.56
N LYS B 149 16.99 -22.72 7.84
CA LYS B 149 18.25 -23.28 8.32
C LYS B 149 19.39 -23.08 7.33
N GLY B 150 20.46 -22.43 7.79
CA GLY B 150 21.63 -22.18 6.97
C GLY B 150 21.39 -21.16 5.87
N LYS B 151 20.27 -20.45 5.98
CA LYS B 151 19.90 -19.47 4.96
C LYS B 151 19.98 -18.04 5.50
N LYS B 152 20.57 -17.16 4.70
CA LYS B 152 20.67 -15.75 5.05
C LYS B 152 19.33 -15.05 4.88
N VAL B 153 18.86 -14.39 5.93
CA VAL B 153 17.57 -13.71 5.88
C VAL B 153 17.66 -12.27 6.39
N ALA B 154 16.84 -11.39 5.83
CA ALA B 154 16.73 -10.02 6.29
C ALA B 154 15.48 -9.86 7.15
N VAL B 155 15.67 -9.44 8.39
CA VAL B 155 14.56 -9.36 9.34
C VAL B 155 14.62 -8.04 10.13
N HIS B 156 13.49 -7.66 10.70
CA HIS B 156 13.40 -6.45 11.51
C HIS B 156 14.36 -6.53 12.69
N PRO B 157 15.14 -5.46 12.93
CA PRO B 157 16.16 -5.38 13.99
C PRO B 157 15.65 -5.80 15.36
N LEU B 158 14.36 -5.57 15.63
CA LEU B 158 13.78 -5.97 16.91
C LEU B 158 13.53 -7.48 16.95
N ALA B 159 13.34 -8.08 15.77
CA ALA B 159 13.06 -9.50 15.68
C ALA B 159 14.31 -10.30 15.32
N LYS B 160 15.44 -9.61 15.21
CA LYS B 160 16.70 -10.25 14.85
C LYS B 160 17.20 -11.28 15.88
N PRO B 161 17.13 -10.96 17.18
CA PRO B 161 17.57 -12.00 18.14
C PRO B 161 16.65 -13.22 18.17
N ALA B 162 15.50 -13.14 17.52
CA ALA B 162 14.56 -14.25 17.47
C ALA B 162 14.83 -15.16 16.27
N ILE B 163 16.04 -15.08 15.73
CA ILE B 163 16.44 -15.93 14.62
C ILE B 163 17.50 -16.94 15.09
N GLN B 164 17.09 -18.19 15.27
CA GLN B 164 17.96 -19.23 15.77
C GLN B 164 18.45 -20.17 14.67
N ASN B 165 17.55 -20.55 13.78
CA ASN B 165 17.88 -21.48 12.72
C ASN B 165 18.50 -20.79 11.50
N GLY B 166 18.06 -19.56 11.25
CA GLY B 166 18.54 -18.81 10.11
C GLY B 166 19.76 -17.97 10.39
N ILE B 167 20.31 -17.36 9.34
CA ILE B 167 21.45 -16.46 9.48
C ILE B 167 21.00 -15.03 9.25
N ALA B 168 20.52 -14.39 10.31
CA ALA B 168 20.00 -13.03 10.22
C ALA B 168 21.10 -12.02 9.99
N THR B 169 20.86 -11.07 9.09
CA THR B 169 21.81 -10.00 8.83
C THR B 169 21.17 -8.63 9.12
N ASP B 170 21.95 -7.58 8.94
CA ASP B 170 21.45 -6.22 9.15
C ASP B 170 21.18 -5.52 7.82
N GLU B 171 21.26 -6.30 6.74
CA GLU B 171 21.02 -5.77 5.40
C GLU B 171 19.54 -5.49 5.18
N LYS B 172 19.23 -4.68 4.17
CA LYS B 172 17.85 -4.33 3.87
C LYS B 172 17.08 -5.52 3.31
N SER B 173 17.70 -6.25 2.40
CA SER B 173 17.09 -7.44 1.82
C SER B 173 18.10 -8.56 1.66
N GLU B 174 17.62 -9.80 1.79
CA GLU B 174 18.46 -10.97 1.62
C GLU B 174 17.83 -11.98 0.67
N ILE B 175 18.53 -12.28 -0.41
CA ILE B 175 18.10 -13.32 -1.34
C ILE B 175 19.05 -14.50 -1.28
N ASP B 176 18.56 -15.62 -0.76
CA ASP B 176 19.38 -16.81 -0.61
C ASP B 176 18.60 -18.06 -0.99
N GLY B 177 18.94 -18.65 -2.13
CA GLY B 177 18.22 -19.79 -2.65
C GLY B 177 16.84 -19.39 -3.14
N ASN B 178 15.81 -19.78 -2.39
CA ASN B 178 14.45 -19.41 -2.72
C ASN B 178 13.83 -18.51 -1.66
N PHE B 179 14.67 -18.00 -0.76
CA PHE B 179 14.20 -17.10 0.29
C PHE B 179 14.39 -15.64 -0.09
N PHE B 180 13.31 -14.87 -0.01
CA PHE B 180 13.33 -13.47 -0.37
C PHE B 180 12.76 -12.62 0.75
N THR B 181 13.63 -12.18 1.66
CA THR B 181 13.20 -11.44 2.83
C THR B 181 13.70 -10.00 2.84
N ALA B 182 12.94 -9.12 3.50
CA ALA B 182 13.31 -7.72 3.62
C ALA B 182 13.26 -7.28 5.09
N GLN B 183 14.04 -6.26 5.43
CA GLN B 183 14.13 -5.77 6.80
C GLN B 183 12.78 -5.29 7.32
N ASP B 184 12.09 -4.48 6.53
CA ASP B 184 10.74 -4.05 6.86
C ASP B 184 9.94 -3.72 5.59
N GLU B 185 8.85 -2.98 5.76
CA GLU B 185 8.01 -2.61 4.61
C GLU B 185 8.66 -1.48 3.81
N ASN B 186 9.68 -0.85 4.40
CA ASN B 186 10.34 0.28 3.77
C ASN B 186 11.52 -0.14 2.88
N THR B 187 11.91 -1.41 2.98
CA THR B 187 13.06 -1.90 2.22
C THR B 187 12.67 -3.01 1.26
N ILE B 188 11.38 -3.09 0.94
CA ILE B 188 10.89 -4.11 0.01
C ILE B 188 11.36 -3.81 -1.41
N TRP B 189 11.54 -2.54 -1.70
CA TRP B 189 11.94 -2.09 -3.04
C TRP B 189 13.32 -2.58 -3.44
N THR B 190 14.10 -3.04 -2.47
CA THR B 190 15.47 -3.48 -2.72
C THR B 190 15.53 -4.91 -3.23
N MET B 191 14.41 -5.62 -3.19
CA MET B 191 14.38 -7.01 -3.63
C MET B 191 13.19 -7.29 -4.54
N LEU B 192 12.21 -6.39 -4.54
CA LEU B 192 10.98 -6.57 -5.31
C LEU B 192 11.21 -6.72 -6.82
N PRO B 193 12.13 -5.93 -7.43
CA PRO B 193 12.38 -6.17 -8.85
C PRO B 193 12.90 -7.58 -9.15
N LYS B 194 13.68 -8.14 -8.22
CA LYS B 194 14.17 -9.51 -8.38
C LYS B 194 13.06 -10.53 -8.20
N VAL B 195 12.14 -10.24 -7.27
CA VAL B 195 10.99 -11.09 -7.03
C VAL B 195 10.11 -11.18 -8.28
N ILE B 196 9.86 -10.03 -8.88
CA ILE B 196 9.03 -9.96 -10.09
C ILE B 196 9.65 -10.74 -11.24
N GLU B 197 10.95 -10.58 -11.43
CA GLU B 197 11.66 -11.28 -12.49
C GLU B 197 11.63 -12.80 -12.28
N ALA B 198 11.68 -13.21 -11.02
CA ALA B 198 11.62 -14.62 -10.67
C ALA B 198 10.22 -15.20 -10.92
N LEU B 199 9.22 -14.32 -10.89
CA LEU B 199 7.84 -14.74 -11.12
C LEU B 199 7.38 -14.40 -12.52
N LYS B 200 8.26 -13.74 -13.28
CA LYS B 200 7.99 -13.36 -14.67
C LYS B 200 6.73 -12.49 -14.80
N1 RBF C . 14.27 4.27 -3.94
N1 RBF C . 10.14 3.72 -0.05
C2 RBF C . 15.49 4.67 -3.52
C2 RBF C . 8.96 3.16 -0.44
O2 RBF C . 16.38 4.89 -4.38
O2 RBF C . 8.01 3.10 0.37
N3 RBF C . 15.79 4.87 -2.23
N3 RBF C . 8.78 2.66 -1.68
C4 RBF C . 14.89 4.67 -1.25
C4 RBF C . 9.73 2.68 -2.61
O4 RBF C . 15.21 4.85 -0.06
O4 RBF C . 9.54 2.21 -3.74
C4A RBF C . 13.53 4.21 -1.63
C4A RBF C . 11.06 3.27 -2.26
N5 RBF C . 12.58 3.98 -0.70
N5 RBF C . 12.07 3.32 -3.14
C5A RBF C . 11.35 3.57 -1.06
C5A RBF C . 13.26 3.85 -2.78
C6 RBF C . 10.38 3.34 -0.08
C6 RBF C . 14.31 3.89 -3.70
C7 RBF C . 9.11 2.90 -0.44
C7 RBF C . 15.53 4.43 -3.35
C7M RBF C . 8.08 2.66 0.62
C7M RBF C . 16.65 4.46 -4.35
C8 RBF C . 8.78 2.70 -1.88
C8 RBF C . 15.74 4.97 -1.99
C8M RBF C . 7.40 2.22 -2.27
C8M RBF C . 17.07 5.56 -1.61
C9 RBF C . 9.74 2.93 -2.86
C9 RBF C . 14.70 4.94 -1.06
C9A RBF C . 11.01 3.36 -2.50
C9A RBF C . 13.47 4.40 -1.41
N10 RBF C . 11.99 3.58 -3.49
N10 RBF C . 12.42 4.37 -0.48
C10 RBF C . 13.27 4.02 -3.07
C10 RBF C . 11.19 3.80 -0.88
C1' RBF C . 11.68 3.39 -4.90
C1' RBF C . 12.60 4.91 0.87
C2' RBF C . 12.36 2.17 -5.53
C2' RBF C . 12.84 3.78 1.87
O2' RBF C . 13.77 2.41 -5.58
O2' RBF C . 11.57 3.37 2.41
C3' RBF C . 11.84 1.96 -6.95
C3' RBF C . 13.74 4.23 3.01
O3' RBF C . 10.44 2.25 -6.99
O3' RBF C . 14.06 5.63 2.87
C4' RBF C . 12.09 0.53 -7.44
C4' RBF C . 15.04 3.42 3.03
O4' RBF C . 12.25 -0.35 -6.31
O4' RBF C . 15.22 2.78 1.76
C5' RBF C . 13.33 0.47 -8.30
C5' RBF C . 15.00 2.36 4.13
O5' RBF C . 13.13 1.22 -9.50
O5' RBF C . 15.01 3.00 5.40
ZN ZN D . -2.24 7.08 -11.71
ZN ZN E . 5.99 -6.14 11.30
#